data_2OPI
#
_entry.id   2OPI
#
_cell.length_a   115.934
_cell.length_b   115.934
_cell.length_c   73.722
_cell.angle_alpha   90.00
_cell.angle_beta   90.00
_cell.angle_gamma   120.00
#
_symmetry.space_group_name_H-M   'P 31 2 1'
#
loop_
_entity.id
_entity.type
_entity.pdbx_description
1 polymer 'L-fuculose-1-phosphate aldolase'
2 non-polymer 'SULFATE ION'
3 water water
#
_entity_poly.entity_id   1
_entity_poly.type   'polypeptide(L)'
_entity_poly.pdbx_seq_one_letter_code
;(MSE)ITDEHIELFLAQAHRYGDAKL(MSE)LCSSGNLSWRIGEEALISGTGSWVPTLAKEKVSICNIASGTPTNGVKPS
(MSE)ESTFHLGVLRERPDVNVVLHFQSEYATAISC(MSE)KNKPTNFNVTAEIPCHVGSEIPVIPYYRPGSPELAKAVV
EA(MSE)LKHNSVLLTNHGQVVCGKDFDQVYERATFFE(MSE)ACRIIVQSGGDYSVLTPEEIEDLEIYVLGKKTK
;
_entity_poly.pdbx_strand_id   A,B
#
loop_
_chem_comp.id
_chem_comp.type
_chem_comp.name
_chem_comp.formula
SO4 non-polymer 'SULFATE ION' 'O4 S -2'
#
# COMPACT_ATOMS: atom_id res chain seq x y z
N MSE A 1 -18.09 12.79 -24.40
CA MSE A 1 -19.49 12.34 -24.11
C MSE A 1 -19.46 11.42 -22.90
O MSE A 1 -19.90 10.26 -22.98
CB MSE A 1 -20.11 11.61 -25.31
CG MSE A 1 -19.24 11.58 -26.57
SE MSE A 1 -18.99 9.76 -27.28
CE MSE A 1 -18.42 8.82 -25.67
N ILE A 2 -18.93 11.92 -21.79
CA ILE A 2 -18.80 11.13 -20.58
C ILE A 2 -20.03 11.32 -19.70
N THR A 3 -20.90 10.32 -19.69
CA THR A 3 -22.05 10.34 -18.79
C THR A 3 -21.57 9.90 -17.43
N ASP A 4 -22.40 10.12 -16.41
CA ASP A 4 -22.10 9.67 -15.06
C ASP A 4 -22.11 8.15 -15.02
N GLU A 5 -22.84 7.55 -15.94
CA GLU A 5 -22.89 6.09 -16.10
C GLU A 5 -21.50 5.53 -16.42
N HIS A 6 -20.76 6.23 -17.28
CA HIS A 6 -19.36 5.89 -17.55
C HIS A 6 -18.51 6.01 -16.30
N ILE A 7 -18.71 7.09 -15.55
CA ILE A 7 -17.91 7.37 -14.36
C ILE A 7 -18.27 6.39 -13.24
N GLU A 8 -19.55 6.02 -13.17
CA GLU A 8 -20.01 5.11 -12.14
C GLU A 8 -19.49 3.70 -12.40
N LEU A 9 -19.42 3.32 -13.68
CA LEU A 9 -18.83 2.03 -14.04
C LEU A 9 -17.34 2.01 -13.69
N PHE A 10 -16.64 3.11 -13.98
CA PHE A 10 -15.23 3.25 -13.63
C PHE A 10 -14.99 3.11 -12.11
N LEU A 11 -15.80 3.81 -11.30
CA LEU A 11 -15.74 3.71 -9.85
C LEU A 11 -15.98 2.28 -9.35
N ALA A 12 -17.04 1.64 -9.82
CA ALA A 12 -17.36 0.24 -9.45
C ALA A 12 -16.21 -0.70 -9.80
N GLN A 13 -15.61 -0.48 -10.96
CA GLN A 13 -14.56 -1.35 -11.45
C GLN A 13 -13.23 -1.15 -10.71
N ALA A 14 -12.93 0.11 -10.39
CA ALA A 14 -11.85 0.45 -9.47
C ALA A 14 -12.02 -0.25 -8.13
N HIS A 15 -13.24 -0.26 -7.61
CA HIS A 15 -13.53 -0.88 -6.33
C HIS A 15 -13.35 -2.38 -6.37
N ARG A 16 -13.76 -3.03 -7.46
CA ARG A 16 -13.59 -4.48 -7.52
C ARG A 16 -12.10 -4.89 -7.63
N TYR A 17 -11.27 -4.02 -8.21
CA TYR A 17 -9.83 -4.28 -8.24
C TYR A 17 -9.25 -4.18 -6.83
N GLY A 18 -9.82 -3.27 -6.03
CA GLY A 18 -9.41 -3.04 -4.66
C GLY A 18 -9.80 -4.19 -3.77
N ASP A 19 -11.03 -4.70 -3.94
CA ASP A 19 -11.53 -5.89 -3.23
C ASP A 19 -10.69 -7.16 -3.50
N ALA A 20 -10.11 -7.27 -4.69
CA ALA A 20 -9.23 -8.40 -4.98
C ALA A 20 -7.80 -8.19 -4.44
N LYS A 21 -7.55 -7.00 -3.86
CA LYS A 21 -6.23 -6.64 -3.33
C LYS A 21 -5.13 -6.61 -4.40
N LEU A 22 -5.49 -6.20 -5.62
CA LEU A 22 -4.51 -6.00 -6.68
C LEU A 22 -3.62 -4.77 -6.41
N MSE A 23 -4.16 -3.81 -5.67
CA MSE A 23 -3.35 -2.77 -5.03
C MSE A 23 -3.87 -2.40 -3.66
O MSE A 23 -4.98 -2.77 -3.27
CB MSE A 23 -3.18 -1.50 -5.89
CG MSE A 23 -4.04 -1.37 -7.13
SE MSE A 23 -5.98 -1.40 -6.91
CE MSE A 23 -6.38 -0.85 -8.74
N LEU A 24 -3.02 -1.68 -2.92
CA LEU A 24 -3.33 -1.21 -1.59
C LEU A 24 -3.25 0.32 -1.52
N CYS A 25 -4.21 0.93 -0.83
CA CYS A 25 -4.22 2.37 -0.61
C CYS A 25 -3.99 3.18 -1.89
N SER A 26 -2.97 4.05 -1.87
CA SER A 26 -2.81 5.03 -2.93
C SER A 26 -1.87 4.57 -4.06
N SER A 27 -1.37 3.34 -3.97
CA SER A 27 -0.52 2.83 -5.04
C SER A 27 -1.36 2.31 -6.22
N GLY A 28 -0.78 2.36 -7.42
CA GLY A 28 -1.45 1.96 -8.64
C GLY A 28 -2.37 2.99 -9.25
N ASN A 29 -2.77 2.75 -10.48
CA ASN A 29 -3.62 3.68 -11.21
C ASN A 29 -4.30 3.03 -12.41
N LEU A 30 -5.46 3.55 -12.76
CA LEU A 30 -6.35 2.92 -13.71
C LEU A 30 -6.83 3.93 -14.73
N SER A 31 -6.90 3.51 -15.98
CA SER A 31 -7.36 4.37 -17.05
C SER A 31 -8.30 3.64 -17.98
N TRP A 32 -9.24 4.39 -18.55
CA TRP A 32 -10.25 3.83 -19.46
C TRP A 32 -10.50 4.73 -20.66
N ARG A 33 -10.18 4.21 -21.85
CA ARG A 33 -10.46 4.87 -23.11
C ARG A 33 -11.97 4.94 -23.38
N ILE A 34 -12.47 6.16 -23.62
CA ILE A 34 -13.82 6.37 -24.11
C ILE A 34 -13.75 7.39 -25.26
N GLY A 35 -13.63 6.87 -26.48
CA GLY A 35 -13.50 7.70 -27.67
C GLY A 35 -12.16 8.40 -27.66
N GLU A 36 -12.21 9.73 -27.71
CA GLU A 36 -11.01 10.57 -27.78
C GLU A 36 -10.56 11.00 -26.38
N GLU A 37 -11.35 10.66 -25.37
CA GLU A 37 -10.98 10.98 -24.00
C GLU A 37 -10.80 9.72 -23.20
N ALA A 38 -10.20 9.86 -22.03
CA ALA A 38 -10.02 8.73 -21.13
C ALA A 38 -10.29 9.15 -19.70
N LEU A 39 -10.89 8.25 -18.94
CA LEU A 39 -10.96 8.39 -17.49
C LEU A 39 -9.68 7.84 -16.85
N ILE A 40 -9.06 8.64 -16.00
CA ILE A 40 -7.87 8.24 -15.27
C ILE A 40 -8.09 8.55 -13.81
N SER A 41 -7.72 7.63 -12.94
CA SER A 41 -7.72 7.88 -11.50
C SER A 41 -6.84 9.10 -11.20
N GLY A 42 -7.31 9.93 -10.29
CA GLY A 42 -6.64 11.19 -9.97
C GLY A 42 -5.38 10.95 -9.17
N THR A 43 -4.41 11.85 -9.31
CA THR A 43 -3.14 11.70 -8.61
C THR A 43 -3.39 11.66 -7.11
N GLY A 44 -2.74 10.72 -6.42
CA GLY A 44 -2.86 10.61 -4.98
C GLY A 44 -4.11 9.89 -4.49
N SER A 45 -5.09 9.71 -5.36
CA SER A 45 -6.32 9.04 -4.96
C SER A 45 -6.07 7.58 -4.54
N TRP A 46 -6.93 7.05 -3.69
CA TRP A 46 -6.86 5.63 -3.35
C TRP A 46 -7.82 4.89 -4.25
N VAL A 47 -7.28 4.16 -5.22
CA VAL A 47 -8.10 3.46 -6.22
C VAL A 47 -9.06 2.38 -5.67
N PRO A 48 -8.68 1.66 -4.59
CA PRO A 48 -9.66 0.72 -4.02
C PRO A 48 -10.94 1.34 -3.42
N THR A 49 -10.87 2.60 -3.00
CA THR A 49 -12.03 3.30 -2.43
C THR A 49 -12.37 4.59 -3.17
N LEU A 50 -11.98 4.68 -4.44
CA LEU A 50 -12.24 5.83 -5.32
C LEU A 50 -13.76 6.02 -5.45
N ALA A 51 -14.35 7.22 -5.47
CA ALA A 51 -13.81 8.55 -5.22
C ALA A 51 -14.22 9.48 -6.38
N LYS A 52 -15.54 9.57 -6.63
CA LYS A 52 -16.12 10.36 -7.73
C LYS A 52 -15.42 11.69 -7.98
N GLU A 53 -15.01 12.36 -6.90
CA GLU A 53 -14.34 13.65 -6.97
C GLU A 53 -12.89 13.56 -7.48
N LYS A 54 -12.32 12.35 -7.49
CA LYS A 54 -10.90 12.17 -7.86
C LYS A 54 -10.73 11.30 -9.11
N VAL A 55 -11.63 11.50 -10.07
CA VAL A 55 -11.53 10.87 -11.39
C VAL A 55 -11.31 11.95 -12.45
N SER A 56 -10.22 11.80 -13.20
CA SER A 56 -9.83 12.75 -14.23
C SER A 56 -10.38 12.35 -15.59
N ILE A 57 -10.93 13.32 -16.31
CA ILE A 57 -11.25 13.16 -17.72
C ILE A 57 -10.13 13.87 -18.50
N CYS A 58 -9.50 13.13 -19.39
CA CYS A 58 -8.34 13.64 -20.13
C CYS A 58 -8.50 13.45 -21.64
N ASN A 59 -8.12 14.47 -22.39
CA ASN A 59 -7.97 14.32 -23.82
C ASN A 59 -6.82 13.34 -24.10
N ILE A 60 -7.11 12.30 -24.89
CA ILE A 60 -6.11 11.27 -25.17
C ILE A 60 -4.92 11.81 -25.95
N ALA A 61 -5.15 12.62 -26.97
CA ALA A 61 -4.05 13.11 -27.80
C ALA A 61 -3.07 14.03 -27.05
N SER A 62 -3.61 14.88 -26.17
CA SER A 62 -2.85 15.94 -25.50
C SER A 62 -2.44 15.59 -24.08
N GLY A 63 -3.26 14.76 -23.44
CA GLY A 63 -3.02 14.43 -22.05
C GLY A 63 -3.61 15.41 -21.03
N THR A 64 -4.26 16.49 -21.48
CA THR A 64 -4.70 17.48 -20.50
C THR A 64 -6.13 17.27 -19.97
N PRO A 65 -6.31 17.36 -18.64
CA PRO A 65 -7.61 17.19 -17.98
C PRO A 65 -8.62 18.25 -18.40
N THR A 66 -9.91 17.89 -18.45
CA THR A 66 -10.96 18.86 -18.75
C THR A 66 -11.95 19.10 -17.61
N ASN A 67 -11.83 18.35 -16.51
CA ASN A 67 -12.79 18.45 -15.41
C ASN A 67 -12.25 19.00 -14.09
N GLY A 68 -11.07 19.61 -14.12
CA GLY A 68 -10.47 20.17 -12.91
C GLY A 68 -9.83 19.14 -11.98
N VAL A 69 -9.71 17.90 -12.45
CA VAL A 69 -9.07 16.85 -11.63
C VAL A 69 -7.69 16.44 -12.19
N LYS A 70 -6.67 16.65 -11.38
CA LYS A 70 -5.30 16.33 -11.76
C LYS A 70 -5.19 14.83 -11.89
N PRO A 71 -4.81 14.35 -13.09
CA PRO A 71 -4.71 12.91 -13.35
C PRO A 71 -3.49 12.33 -12.66
N SER A 72 -3.51 11.03 -12.44
CA SER A 72 -2.33 10.25 -12.05
C SER A 72 -1.05 10.74 -12.75
N MSE A 73 0.05 10.85 -12.01
CA MSE A 73 1.38 10.86 -12.63
C MSE A 73 1.41 9.50 -13.29
O MSE A 73 0.69 8.60 -12.87
CB MSE A 73 2.49 10.95 -11.58
CG MSE A 73 2.21 11.89 -10.42
SE MSE A 73 2.55 13.77 -10.86
CE MSE A 73 4.53 13.69 -10.81
N GLU A 74 2.20 9.31 -14.33
CA GLU A 74 2.10 8.02 -15.05
C GLU A 74 0.87 7.96 -15.97
N SER A 75 0.11 9.05 -16.03
CA SER A 75 -0.85 9.27 -17.11
C SER A 75 -0.09 9.25 -18.43
N THR A 76 1.20 9.54 -18.33
CA THR A 76 2.07 9.59 -19.49
C THR A 76 2.28 8.21 -20.15
N PHE A 77 2.40 7.14 -19.36
CA PHE A 77 2.45 5.84 -19.99
C PHE A 77 1.07 5.25 -20.32
N HIS A 78 0.06 5.50 -19.49
CA HIS A 78 -1.31 5.08 -19.80
C HIS A 78 -1.75 5.63 -21.16
N LEU A 79 -1.66 6.95 -21.33
CA LEU A 79 -2.08 7.58 -22.58
C LEU A 79 -1.17 7.16 -23.72
N GLY A 80 0.12 6.98 -23.39
CA GLY A 80 1.11 6.44 -24.32
C GLY A 80 0.68 5.09 -24.87
N VAL A 81 0.22 4.22 -23.98
CA VAL A 81 -0.21 2.87 -24.38
C VAL A 81 -1.51 2.89 -25.18
N LEU A 82 -2.42 3.79 -24.84
CA LEU A 82 -3.70 3.87 -25.55
C LEU A 82 -3.49 4.40 -26.95
N ARG A 83 -2.58 5.36 -27.10
CA ARG A 83 -2.25 5.90 -28.42
C ARG A 83 -1.62 4.90 -29.38
N GLU A 84 -0.81 3.98 -28.86
CA GLU A 84 -0.09 3.04 -29.71
C GLU A 84 -0.86 1.71 -29.88
N ARG A 85 -1.76 1.43 -28.94
CA ARG A 85 -2.55 0.21 -28.96
C ARG A 85 -4.05 0.53 -29.16
N PRO A 86 -4.51 0.62 -30.41
CA PRO A 86 -5.93 0.96 -30.62
C PRO A 86 -6.88 -0.09 -30.04
N ASP A 87 -6.40 -1.33 -29.94
CA ASP A 87 -7.20 -2.46 -29.45
C ASP A 87 -7.41 -2.43 -27.94
N VAL A 88 -6.59 -1.66 -27.24
CA VAL A 88 -6.58 -1.61 -25.78
C VAL A 88 -7.52 -0.51 -25.32
N ASN A 89 -8.34 -0.81 -24.31
CA ASN A 89 -9.26 0.17 -23.73
C ASN A 89 -9.03 0.44 -22.24
N VAL A 90 -8.53 -0.56 -21.52
CA VAL A 90 -8.23 -0.39 -20.09
C VAL A 90 -6.74 -0.69 -19.82
N VAL A 91 -6.10 0.16 -19.00
CA VAL A 91 -4.75 -0.09 -18.51
C VAL A 91 -4.72 0.02 -16.99
N LEU A 92 -4.21 -1.01 -16.33
CA LEU A 92 -4.10 -1.00 -14.88
C LEU A 92 -2.67 -1.18 -14.44
N HIS A 93 -2.16 -0.20 -13.70
CA HIS A 93 -0.94 -0.38 -12.93
C HIS A 93 -1.34 -0.77 -11.51
N PHE A 94 -0.86 -1.92 -11.05
CA PHE A 94 -1.19 -2.42 -9.72
C PHE A 94 0.03 -2.95 -8.95
N GLN A 95 -0.19 -3.63 -7.82
CA GLN A 95 0.88 -3.94 -6.89
C GLN A 95 0.42 -5.06 -5.94
N SER A 96 0.20 -6.26 -6.47
CA SER A 96 -0.36 -7.34 -5.67
C SER A 96 0.69 -8.10 -4.86
N GLU A 97 0.23 -8.91 -3.92
CA GLU A 97 1.07 -9.73 -3.02
C GLU A 97 2.31 -10.40 -3.65
N TYR A 98 2.12 -11.57 -4.27
CA TYR A 98 3.24 -12.40 -4.68
C TYR A 98 3.98 -11.86 -5.90
N ALA A 99 3.27 -11.11 -6.74
CA ALA A 99 3.89 -10.50 -7.90
C ALA A 99 4.83 -9.36 -7.51
N THR A 100 4.50 -8.63 -6.45
CA THR A 100 5.40 -7.56 -6.01
C THR A 100 6.65 -8.12 -5.35
N ALA A 101 6.49 -9.24 -4.62
CA ALA A 101 7.63 -9.98 -4.09
C ALA A 101 8.60 -10.35 -5.22
N ILE A 102 8.04 -10.87 -6.32
CA ILE A 102 8.81 -11.14 -7.53
C ILE A 102 9.40 -9.86 -8.13
N SER A 103 8.66 -8.75 -8.11
CA SER A 103 9.20 -7.45 -8.54
C SER A 103 10.51 -7.09 -7.87
N CYS A 104 10.60 -7.34 -6.58
CA CYS A 104 11.75 -6.88 -5.81
C CYS A 104 12.86 -7.90 -5.70
N MSE A 105 12.64 -9.11 -6.24
CA MSE A 105 13.64 -10.19 -6.22
C MSE A 105 14.86 -9.84 -7.04
O MSE A 105 14.75 -9.33 -8.14
CB MSE A 105 13.05 -11.48 -6.78
CG MSE A 105 12.24 -12.27 -5.80
SE MSE A 105 11.89 -14.08 -6.46
CE MSE A 105 10.67 -14.65 -5.03
N LYS A 106 16.03 -10.17 -6.50
CA LYS A 106 17.28 -9.96 -7.19
C LYS A 106 17.41 -10.97 -8.33
N ASN A 107 17.02 -12.21 -8.09
CA ASN A 107 17.11 -13.25 -9.09
C ASN A 107 15.73 -13.73 -9.50
N LYS A 108 15.14 -13.03 -10.47
CA LYS A 108 13.79 -13.33 -10.96
C LYS A 108 13.73 -14.63 -11.73
N PRO A 109 12.59 -15.34 -11.68
CA PRO A 109 12.28 -16.43 -12.62
C PRO A 109 12.29 -15.96 -14.07
N THR A 110 12.63 -16.87 -14.98
CA THR A 110 12.72 -16.53 -16.39
C THR A 110 11.55 -17.10 -17.19
N ASN A 111 10.77 -17.93 -16.52
CA ASN A 111 9.66 -18.61 -17.17
C ASN A 111 8.49 -18.72 -16.20
N PHE A 112 7.36 -18.11 -16.56
CA PHE A 112 6.21 -18.04 -15.69
C PHE A 112 5.06 -18.97 -16.10
N ASN A 113 5.26 -19.73 -17.18
CA ASN A 113 4.21 -20.54 -17.79
C ASN A 113 3.98 -21.83 -17.05
N VAL A 114 3.23 -21.73 -15.96
CA VAL A 114 3.18 -22.78 -14.96
C VAL A 114 1.84 -23.54 -15.06
N THR A 115 0.81 -22.86 -15.55
CA THR A 115 -0.41 -23.50 -16.00
C THR A 115 -0.75 -22.94 -17.38
N ALA A 116 -1.76 -23.55 -18.03
CA ALA A 116 -2.28 -23.11 -19.32
C ALA A 116 -2.82 -21.68 -19.31
N GLU A 117 -3.37 -21.26 -18.17
CA GLU A 117 -3.97 -19.95 -18.00
C GLU A 117 -2.99 -18.80 -18.23
N ILE A 118 -1.71 -19.03 -17.91
CA ILE A 118 -0.69 -17.98 -18.00
C ILE A 118 -0.43 -17.63 -19.49
N PRO A 119 0.03 -18.59 -20.29
CA PRO A 119 0.23 -18.19 -21.67
C PRO A 119 -1.04 -17.66 -22.35
N CYS A 120 -2.20 -18.22 -22.02
CA CYS A 120 -3.45 -17.77 -22.63
C CYS A 120 -3.79 -16.32 -22.31
N HIS A 121 -3.83 -16.00 -21.02
CA HIS A 121 -4.34 -14.71 -20.59
C HIS A 121 -3.25 -13.69 -20.32
N VAL A 122 -2.18 -14.12 -19.68
CA VAL A 122 -1.11 -13.23 -19.28
C VAL A 122 -0.11 -12.96 -20.42
N GLY A 123 0.26 -14.00 -21.16
CA GLY A 123 1.30 -13.92 -22.18
C GLY A 123 2.39 -14.92 -21.88
N SER A 124 2.93 -15.57 -22.90
CA SER A 124 3.96 -16.58 -22.70
C SER A 124 5.32 -15.97 -22.27
N GLU A 125 5.38 -14.64 -22.23
CA GLU A 125 6.64 -13.94 -22.08
C GLU A 125 6.36 -12.60 -21.38
N ILE A 126 6.91 -12.43 -20.19
CA ILE A 126 6.63 -11.24 -19.37
C ILE A 126 7.84 -10.31 -19.33
N PRO A 127 7.78 -9.18 -20.05
CA PRO A 127 8.87 -8.21 -19.98
C PRO A 127 9.08 -7.63 -18.58
N VAL A 128 10.35 -7.48 -18.21
CA VAL A 128 10.76 -6.99 -16.92
C VAL A 128 11.44 -5.66 -17.12
N ILE A 129 10.82 -4.59 -16.64
CA ILE A 129 11.41 -3.27 -16.72
C ILE A 129 12.22 -2.97 -15.45
N PRO A 130 13.44 -2.40 -15.60
CA PRO A 130 14.20 -2.02 -14.38
C PRO A 130 13.47 -0.96 -13.56
N TYR A 131 14.05 -0.58 -12.43
CA TYR A 131 13.45 0.47 -11.62
C TYR A 131 13.66 1.85 -12.25
N TYR A 132 12.56 2.58 -12.40
CA TYR A 132 12.63 4.00 -12.76
C TYR A 132 11.65 4.72 -11.86
N ARG A 133 11.92 6.01 -11.58
CA ARG A 133 11.02 6.80 -10.74
C ARG A 133 9.59 6.80 -11.32
N PRO A 134 8.60 6.49 -10.46
CA PRO A 134 7.19 6.62 -10.85
C PRO A 134 6.91 7.98 -11.48
N GLY A 135 6.23 7.97 -12.63
CA GLY A 135 5.84 9.19 -13.31
C GLY A 135 6.88 9.74 -14.27
N SER A 136 8.08 9.17 -14.23
CA SER A 136 9.24 9.68 -14.97
C SER A 136 9.17 9.39 -16.47
N PRO A 137 9.82 10.23 -17.28
CA PRO A 137 9.90 9.96 -18.71
C PRO A 137 10.55 8.61 -19.03
N GLU A 138 11.58 8.22 -18.28
CA GLU A 138 12.26 6.95 -18.50
C GLU A 138 11.30 5.77 -18.31
N LEU A 139 10.41 5.89 -17.34
CA LEU A 139 9.46 4.83 -17.07
C LEU A 139 8.45 4.72 -18.22
N ALA A 140 7.84 5.85 -18.58
CA ALA A 140 6.99 5.94 -19.76
C ALA A 140 7.62 5.30 -21.00
N LYS A 141 8.89 5.59 -21.28
CA LYS A 141 9.57 4.97 -22.44
C LYS A 141 9.58 3.45 -22.38
N ALA A 142 10.04 2.91 -21.25
CA ALA A 142 10.11 1.47 -21.06
C ALA A 142 8.73 0.79 -21.16
N VAL A 143 7.73 1.36 -20.51
CA VAL A 143 6.41 0.75 -20.41
C VAL A 143 5.70 0.74 -21.75
N VAL A 144 5.71 1.87 -22.43
CA VAL A 144 5.18 1.97 -23.77
C VAL A 144 5.87 0.99 -24.76
N GLU A 145 7.20 0.97 -24.74
CA GLU A 145 7.98 0.05 -25.57
C GLU A 145 7.55 -1.40 -25.30
N ALA A 146 7.50 -1.78 -24.03
CA ALA A 146 7.21 -3.16 -23.65
C ALA A 146 5.78 -3.58 -23.97
N MSE A 147 4.87 -2.61 -24.03
CA MSE A 147 3.46 -2.94 -24.26
C MSE A 147 2.96 -2.79 -25.68
O MSE A 147 1.76 -2.89 -25.92
CB MSE A 147 2.59 -2.18 -23.29
CG MSE A 147 2.99 -2.47 -21.88
SE MSE A 147 1.47 -2.34 -20.66
CE MSE A 147 1.18 -4.23 -20.41
N LEU A 148 3.86 -2.58 -26.64
CA LEU A 148 3.46 -2.61 -28.03
C LEU A 148 3.02 -4.04 -28.39
N LYS A 149 3.75 -5.02 -27.88
CA LYS A 149 3.55 -6.42 -28.26
C LYS A 149 3.37 -7.31 -27.06
N HIS A 150 3.05 -6.73 -25.90
CA HIS A 150 2.73 -7.52 -24.70
C HIS A 150 1.60 -6.85 -23.92
N ASN A 151 0.87 -7.65 -23.16
CA ASN A 151 -0.26 -7.17 -22.41
C ASN A 151 0.03 -7.12 -20.92
N SER A 152 1.16 -7.69 -20.50
CA SER A 152 1.48 -7.83 -19.09
C SER A 152 2.95 -7.54 -18.86
N VAL A 153 3.26 -6.81 -17.81
CA VAL A 153 4.62 -6.35 -17.60
C VAL A 153 4.93 -6.28 -16.13
N LEU A 154 6.16 -6.64 -15.78
CA LEU A 154 6.64 -6.60 -14.39
C LEU A 154 7.54 -5.37 -14.19
N LEU A 155 7.17 -4.50 -13.26
CA LEU A 155 7.96 -3.32 -12.90
C LEU A 155 8.85 -3.60 -11.69
N THR A 156 10.15 -3.76 -11.93
CA THR A 156 11.11 -4.07 -10.89
C THR A 156 11.04 -3.11 -9.74
N ASN A 157 11.05 -3.64 -8.52
CA ASN A 157 11.05 -2.83 -7.32
C ASN A 157 9.85 -1.91 -7.25
N HIS A 158 8.81 -2.27 -7.98
CA HIS A 158 7.61 -1.48 -7.92
C HIS A 158 6.28 -2.20 -7.96
N GLY A 159 5.95 -2.83 -9.08
CA GLY A 159 4.67 -3.51 -9.22
C GLY A 159 4.49 -4.10 -10.60
N GLN A 160 3.30 -3.94 -11.15
CA GLN A 160 3.00 -4.53 -12.45
C GLN A 160 1.96 -3.76 -13.26
N VAL A 161 1.97 -3.97 -14.57
CA VAL A 161 1.00 -3.32 -15.44
C VAL A 161 0.37 -4.36 -16.33
N VAL A 162 -0.92 -4.15 -16.60
CA VAL A 162 -1.71 -5.02 -17.45
C VAL A 162 -2.59 -4.19 -18.41
N CYS A 163 -2.87 -4.79 -19.57
CA CYS A 163 -3.62 -4.21 -20.71
C CYS A 163 -4.86 -5.03 -20.98
N GLY A 164 -5.87 -4.42 -21.61
CA GLY A 164 -7.03 -5.21 -21.99
C GLY A 164 -8.03 -4.45 -22.82
N LYS A 165 -8.90 -5.18 -23.50
CA LYS A 165 -9.95 -4.56 -24.31
C LYS A 165 -11.08 -4.04 -23.43
N ASP A 166 -11.22 -4.61 -22.23
CA ASP A 166 -12.24 -4.18 -21.27
C ASP A 166 -11.84 -4.58 -19.86
N PHE A 167 -12.75 -4.39 -18.91
CA PHE A 167 -12.44 -4.55 -17.50
C PHE A 167 -12.30 -6.01 -17.05
N ASP A 168 -13.19 -6.86 -17.54
CA ASP A 168 -13.09 -8.28 -17.30
C ASP A 168 -11.76 -8.88 -17.78
N GLN A 169 -11.30 -8.52 -18.97
CA GLN A 169 -10.05 -9.05 -19.52
C GLN A 169 -8.86 -8.61 -18.67
N VAL A 170 -8.91 -7.36 -18.20
CA VAL A 170 -7.87 -6.80 -17.35
C VAL A 170 -7.88 -7.49 -15.99
N TYR A 171 -9.06 -7.65 -15.41
CA TYR A 171 -9.20 -8.29 -14.11
C TYR A 171 -8.64 -9.72 -14.13
N GLU A 172 -9.02 -10.47 -15.14
CA GLU A 172 -8.54 -11.82 -15.33
C GLU A 172 -7.03 -11.85 -15.57
N ARG A 173 -6.55 -10.98 -16.45
CA ARG A 173 -5.13 -10.89 -16.77
C ARG A 173 -4.30 -10.63 -15.51
N ALA A 174 -4.70 -9.63 -14.73
CA ALA A 174 -4.07 -9.32 -13.42
C ALA A 174 -4.13 -10.48 -12.43
N THR A 175 -5.29 -11.12 -12.31
CA THR A 175 -5.49 -12.23 -11.36
C THR A 175 -4.57 -13.41 -11.66
N PHE A 176 -4.39 -13.73 -12.94
CA PHE A 176 -3.53 -14.83 -13.32
C PHE A 176 -2.04 -14.49 -13.30
N PHE A 177 -1.72 -13.23 -13.55
CA PHE A 177 -0.37 -12.72 -13.33
C PHE A 177 -0.02 -13.03 -11.88
N GLU A 178 -0.86 -12.56 -10.95
CA GLU A 178 -0.66 -12.82 -9.52
C GLU A 178 -0.62 -14.32 -9.20
N MSE A 179 -1.54 -15.08 -9.77
CA MSE A 179 -1.53 -16.51 -9.54
C MSE A 179 -0.21 -17.19 -9.98
O MSE A 179 0.34 -18.02 -9.26
CB MSE A 179 -2.73 -17.19 -10.18
CG MSE A 179 -2.57 -18.70 -10.25
SE MSE A 179 -4.11 -19.69 -10.88
CE MSE A 179 -4.89 -20.17 -9.14
N ALA A 180 0.30 -16.80 -11.14
CA ALA A 180 1.56 -17.37 -11.62
C ALA A 180 2.66 -17.12 -10.59
N CYS A 181 2.75 -15.89 -10.13
CA CYS A 181 3.72 -15.52 -9.10
C CYS A 181 3.49 -16.25 -7.78
N ARG A 182 2.23 -16.42 -7.38
CA ARG A 182 1.91 -17.14 -6.15
C ARG A 182 2.37 -18.59 -6.22
N ILE A 183 2.17 -19.21 -7.38
CA ILE A 183 2.66 -20.57 -7.62
C ILE A 183 4.18 -20.64 -7.46
N ILE A 184 4.90 -19.75 -8.15
CA ILE A 184 6.34 -19.77 -8.12
C ILE A 184 6.86 -19.70 -6.67
N VAL A 185 6.33 -18.77 -5.89
CA VAL A 185 6.83 -18.53 -4.54
C VAL A 185 6.46 -19.69 -3.61
N GLN A 186 5.20 -20.11 -3.67
CA GLN A 186 4.75 -21.16 -2.74
C GLN A 186 5.40 -22.50 -3.03
N SER A 187 5.75 -22.75 -4.29
CA SER A 187 6.44 -23.98 -4.68
C SER A 187 7.86 -24.03 -4.14
N GLY A 188 8.37 -22.89 -3.72
CA GLY A 188 9.72 -22.79 -3.16
C GLY A 188 10.80 -22.75 -4.21
N GLY A 189 10.44 -22.33 -5.42
CA GLY A 189 11.39 -22.22 -6.52
C GLY A 189 11.59 -23.48 -7.35
N ASP A 190 11.10 -24.62 -6.87
CA ASP A 190 11.33 -25.91 -7.50
C ASP A 190 10.10 -26.38 -8.27
N TYR A 191 9.78 -25.66 -9.34
CA TYR A 191 8.55 -25.88 -10.08
C TYR A 191 8.86 -26.23 -11.53
N SER A 192 7.90 -26.84 -12.22
CA SER A 192 8.04 -27.10 -13.65
C SER A 192 7.11 -26.20 -14.45
N VAL A 193 7.39 -26.06 -15.74
CA VAL A 193 6.64 -25.19 -16.62
C VAL A 193 6.13 -25.99 -17.81
N LEU A 194 5.17 -25.43 -18.56
CA LEU A 194 4.75 -26.04 -19.81
C LEU A 194 5.89 -25.87 -20.82
N THR A 195 6.10 -26.87 -21.66
CA THR A 195 7.17 -26.83 -22.66
C THR A 195 6.80 -25.81 -23.76
N PRO A 196 7.81 -25.30 -24.49
CA PRO A 196 7.49 -24.41 -25.64
C PRO A 196 6.49 -25.07 -26.58
N GLU A 197 6.69 -26.36 -26.87
CA GLU A 197 5.79 -27.10 -27.73
C GLU A 197 4.36 -27.05 -27.18
N GLU A 198 4.22 -27.30 -25.88
CA GLU A 198 2.92 -27.33 -25.21
C GLU A 198 2.18 -26.01 -25.22
N ILE A 199 2.91 -24.89 -25.12
CA ILE A 199 2.27 -23.59 -25.27
C ILE A 199 1.81 -23.40 -26.72
N GLU A 200 2.61 -23.83 -27.69
CA GLU A 200 2.22 -23.74 -29.09
C GLU A 200 1.00 -24.60 -29.39
N ASP A 201 0.88 -25.68 -28.64
CA ASP A 201 -0.26 -26.59 -28.75
C ASP A 201 -1.57 -25.98 -28.23
N LEU A 202 -1.46 -24.97 -27.36
CA LEU A 202 -2.64 -24.31 -26.79
C LEU A 202 -3.45 -23.50 -27.79
N GLU A 203 -3.60 -24.03 -29.02
CA GLU A 203 -4.30 -23.33 -30.11
C GLU A 203 -4.95 -24.34 -31.05
N MSE B 1 -15.94 19.79 26.07
CA MSE B 1 -15.80 20.21 24.66
C MSE B 1 -16.02 19.04 23.67
O MSE B 1 -16.81 19.16 22.74
CB MSE B 1 -14.45 20.87 24.41
CG MSE B 1 -14.24 21.37 22.98
SE MSE B 1 -12.38 21.23 22.37
CE MSE B 1 -11.70 22.95 23.06
N ILE B 2 -15.32 17.92 23.90
CA ILE B 2 -15.41 16.73 23.04
C ILE B 2 -16.79 16.07 23.11
N THR B 3 -17.41 15.86 21.95
CA THR B 3 -18.74 15.25 21.88
C THR B 3 -18.66 13.78 21.49
N ASP B 4 -19.78 13.08 21.66
CA ASP B 4 -19.91 11.66 21.30
C ASP B 4 -19.67 11.42 19.81
N GLU B 5 -19.70 12.50 19.02
CA GLU B 5 -19.41 12.49 17.59
C GLU B 5 -17.96 12.05 17.33
N HIS B 6 -17.05 12.56 18.13
CA HIS B 6 -15.63 12.23 18.02
C HIS B 6 -15.37 10.80 18.49
N ILE B 7 -16.04 10.40 19.57
CA ILE B 7 -15.90 9.06 20.14
C ILE B 7 -16.45 7.98 19.20
N GLU B 8 -17.48 8.33 18.42
CA GLU B 8 -18.05 7.40 17.45
C GLU B 8 -17.11 7.18 16.28
N LEU B 9 -16.43 8.26 15.87
CA LEU B 9 -15.50 8.18 14.74
C LEU B 9 -14.23 7.45 15.13
N PHE B 10 -13.79 7.67 16.37
CA PHE B 10 -12.69 6.92 16.97
C PHE B 10 -12.99 5.42 16.98
N LEU B 11 -14.21 5.06 17.39
CA LEU B 11 -14.63 3.66 17.42
C LEU B 11 -14.54 2.98 16.07
N ALA B 12 -15.16 3.58 15.06
CA ALA B 12 -15.18 3.04 13.70
C ALA B 12 -13.77 2.88 13.11
N GLN B 13 -12.86 3.79 13.47
CA GLN B 13 -11.47 3.70 13.03
C GLN B 13 -10.76 2.52 13.68
N ALA B 14 -11.05 2.31 14.97
CA ALA B 14 -10.49 1.18 15.69
C ALA B 14 -10.96 -0.13 15.05
N HIS B 15 -12.23 -0.20 14.67
CA HIS B 15 -12.77 -1.39 14.01
C HIS B 15 -12.12 -1.58 12.65
N ARG B 16 -11.94 -0.46 11.93
CA ARG B 16 -11.36 -0.46 10.59
C ARG B 16 -9.96 -1.08 10.62
N TYR B 17 -9.12 -0.66 11.58
CA TYR B 17 -7.82 -1.29 11.79
C TYR B 17 -7.90 -2.79 12.13
N GLY B 18 -8.98 -3.18 12.82
CA GLY B 18 -9.21 -4.57 13.15
C GLY B 18 -9.66 -5.38 11.96
N ASP B 19 -10.47 -4.78 11.08
CA ASP B 19 -10.90 -5.42 9.83
C ASP B 19 -9.77 -5.58 8.81
N ALA B 20 -8.78 -4.69 8.90
CA ALA B 20 -7.62 -4.77 8.05
C ALA B 20 -6.63 -5.79 8.61
N LYS B 21 -6.90 -6.28 9.83
CA LYS B 21 -6.08 -7.28 10.52
C LYS B 21 -4.70 -6.75 10.97
N LEU B 22 -4.63 -5.45 11.23
CA LEU B 22 -3.42 -4.82 11.80
C LEU B 22 -3.11 -5.31 13.22
N MSE B 23 -4.13 -5.73 13.96
CA MSE B 23 -3.94 -6.40 15.24
C MSE B 23 -5.02 -7.45 15.46
O MSE B 23 -6.09 -7.37 14.86
CB MSE B 23 -3.92 -5.41 16.43
CG MSE B 23 -5.29 -4.85 16.79
SE MSE B 23 -5.81 -3.38 15.61
CE MSE B 23 -4.77 -1.98 16.46
N LEU B 24 -4.73 -8.41 16.31
CA LEU B 24 -5.70 -9.44 16.66
C LEU B 24 -6.03 -9.32 18.13
N CYS B 25 -7.33 -9.41 18.43
CA CYS B 25 -7.86 -9.41 19.81
C CYS B 25 -7.41 -8.24 20.69
N SER B 26 -6.66 -8.53 21.75
CA SER B 26 -6.35 -7.55 22.80
C SER B 26 -4.94 -6.95 22.75
N SER B 27 -4.23 -7.15 21.65
CA SER B 27 -2.95 -6.48 21.47
C SER B 27 -3.10 -5.20 20.66
N GLY B 28 -2.17 -4.27 20.85
CA GLY B 28 -2.25 -2.98 20.19
C GLY B 28 -3.14 -2.00 20.92
N ASN B 29 -3.06 -0.74 20.50
CA ASN B 29 -3.80 0.36 21.12
C ASN B 29 -3.76 1.59 20.25
N LEU B 30 -4.73 2.47 20.46
CA LEU B 30 -4.92 3.60 19.58
C LEU B 30 -5.14 4.87 20.38
N SER B 31 -4.62 6.00 19.88
CA SER B 31 -4.94 7.29 20.48
C SER B 31 -5.17 8.39 19.43
N TRP B 32 -5.89 9.42 19.83
CA TRP B 32 -6.28 10.50 18.96
C TRP B 32 -6.34 11.80 19.73
N ARG B 33 -5.54 12.79 19.32
CA ARG B 33 -5.53 14.11 19.94
C ARG B 33 -6.72 14.97 19.48
N ILE B 34 -7.52 15.44 20.43
CA ILE B 34 -8.49 16.48 20.18
C ILE B 34 -8.20 17.61 21.18
N GLY B 35 -7.62 18.70 20.67
CA GLY B 35 -7.25 19.84 21.50
C GLY B 35 -6.22 19.50 22.56
N GLU B 36 -6.60 19.67 23.81
CA GLU B 36 -5.69 19.50 24.95
C GLU B 36 -5.76 18.09 25.52
N GLU B 37 -6.67 17.29 24.98
CA GLU B 37 -6.87 15.94 25.46
C GLU B 37 -6.74 14.90 24.35
N ALA B 38 -6.67 13.63 24.75
CA ALA B 38 -6.57 12.54 23.80
C ALA B 38 -7.56 11.42 24.13
N LEU B 39 -8.03 10.75 23.08
CA LEU B 39 -8.79 9.53 23.23
C LEU B 39 -7.80 8.39 23.10
N ILE B 40 -7.81 7.49 24.09
CA ILE B 40 -6.95 6.31 24.09
C ILE B 40 -7.81 5.08 24.36
N SER B 41 -7.52 4.00 23.65
CA SER B 41 -8.17 2.71 23.92
C SER B 41 -7.86 2.26 25.35
N GLY B 42 -8.87 1.70 26.02
CA GLY B 42 -8.74 1.30 27.42
C GLY B 42 -7.92 0.04 27.62
N THR B 43 -7.32 -0.09 28.80
CA THR B 43 -6.49 -1.25 29.11
C THR B 43 -7.27 -2.56 29.00
N GLY B 44 -6.62 -3.57 28.41
CA GLY B 44 -7.20 -4.91 28.28
C GLY B 44 -8.35 -5.03 27.29
N SER B 45 -8.55 -4.01 26.47
CA SER B 45 -9.66 -3.98 25.51
C SER B 45 -9.26 -4.44 24.12
N TRP B 46 -10.24 -4.91 23.36
CA TRP B 46 -10.02 -5.41 22.02
C TRP B 46 -10.27 -4.27 21.06
N VAL B 47 -9.20 -3.77 20.44
CA VAL B 47 -9.32 -2.66 19.51
C VAL B 47 -10.17 -2.98 18.24
N PRO B 48 -10.03 -4.20 17.66
CA PRO B 48 -10.93 -4.60 16.54
C PRO B 48 -12.45 -4.45 16.79
N THR B 49 -12.90 -4.81 18.00
CA THR B 49 -14.31 -4.78 18.38
C THR B 49 -14.53 -3.78 19.52
N LEU B 50 -13.81 -2.66 19.45
CA LEU B 50 -13.65 -1.75 20.58
C LEU B 50 -14.89 -1.15 21.23
N ALA B 51 -15.05 -1.53 22.49
CA ALA B 51 -15.67 -0.72 23.54
C ALA B 51 -16.74 0.32 23.21
N LYS B 52 -16.40 1.58 23.51
CA LYS B 52 -17.32 2.70 23.76
C LYS B 52 -17.26 2.95 25.27
N GLU B 53 -17.45 1.87 26.04
CA GLU B 53 -17.31 1.87 27.50
C GLU B 53 -15.86 1.88 27.94
N LYS B 54 -14.98 1.39 27.07
CA LYS B 54 -13.56 1.27 27.39
C LYS B 54 -12.72 2.20 26.49
N VAL B 55 -13.23 3.42 26.33
CA VAL B 55 -12.50 4.54 25.73
C VAL B 55 -12.08 5.48 26.86
N SER B 56 -10.78 5.68 26.99
CA SER B 56 -10.24 6.54 28.05
C SER B 56 -9.92 7.94 27.50
N ILE B 57 -10.11 8.95 28.34
CA ILE B 57 -9.76 10.31 27.97
C ILE B 57 -8.71 10.79 28.96
N CYS B 58 -7.59 11.28 28.44
CA CYS B 58 -6.51 11.77 29.27
C CYS B 58 -6.16 13.17 28.83
N ASN B 59 -5.57 13.92 29.74
CA ASN B 59 -4.95 15.20 29.42
C ASN B 59 -3.54 14.95 28.91
N ILE B 60 -3.26 15.40 27.69
CA ILE B 60 -1.95 15.23 27.03
C ILE B 60 -0.78 15.73 27.89
N ALA B 61 -0.95 16.91 28.52
CA ALA B 61 0.12 17.56 29.29
C ALA B 61 0.47 16.89 30.64
N SER B 62 -0.55 16.61 31.45
CA SER B 62 -0.39 15.79 32.66
C SER B 62 -1.26 14.56 32.54
N GLY B 63 -0.77 13.60 31.75
CA GLY B 63 -1.52 12.41 31.32
C GLY B 63 -2.29 11.56 32.32
N THR B 64 -3.16 12.19 33.10
CA THR B 64 -4.10 11.46 33.96
C THR B 64 -5.50 11.47 33.31
N PRO B 65 -6.19 10.31 33.37
CA PRO B 65 -7.55 10.19 32.84
C PRO B 65 -8.53 11.15 33.50
N THR B 66 -9.41 11.75 32.70
CA THR B 66 -10.38 12.72 33.21
C THR B 66 -11.79 12.13 33.24
N ASN B 67 -12.01 11.11 32.42
CA ASN B 67 -13.32 10.47 32.30
C ASN B 67 -13.50 9.27 33.24
N GLY B 68 -12.49 8.98 34.04
CA GLY B 68 -12.56 7.90 35.04
C GLY B 68 -12.55 6.49 34.46
N VAL B 69 -11.97 6.35 33.28
CA VAL B 69 -11.80 5.05 32.64
C VAL B 69 -10.30 4.81 32.45
N LYS B 70 -9.82 3.63 32.82
CA LYS B 70 -8.38 3.34 32.85
C LYS B 70 -7.79 3.21 31.44
N PRO B 71 -6.70 3.95 31.18
CA PRO B 71 -6.08 3.96 29.84
C PRO B 71 -5.21 2.73 29.56
N SER B 72 -4.87 2.55 28.30
CA SER B 72 -3.88 1.59 27.85
C SER B 72 -2.70 1.56 28.82
N MSE B 73 -2.24 0.37 29.13
CA MSE B 73 -1.03 0.15 29.93
C MSE B 73 0.21 0.73 29.22
O MSE B 73 1.29 0.82 29.80
CB MSE B 73 -0.93 -1.36 30.26
CG MSE B 73 0.44 -2.03 30.20
SE MSE B 73 0.38 -3.82 29.32
CE MSE B 73 -1.08 -4.65 30.35
N GLU B 74 0.02 1.15 27.97
CA GLU B 74 1.08 1.71 27.13
C GLU B 74 0.81 3.18 26.75
N SER B 75 -0.14 3.81 27.44
CA SER B 75 -0.53 5.21 27.22
C SER B 75 0.60 6.21 27.42
N THR B 76 1.66 5.81 28.11
CA THR B 76 2.77 6.70 28.38
C THR B 76 3.48 7.08 27.09
N PHE B 77 3.72 6.10 26.21
CA PHE B 77 4.36 6.43 24.96
C PHE B 77 3.40 7.03 23.94
N HIS B 78 2.11 6.77 24.11
CA HIS B 78 1.11 7.39 23.26
C HIS B 78 1.09 8.89 23.50
N LEU B 79 0.97 9.25 24.76
CA LEU B 79 0.86 10.65 25.14
C LEU B 79 2.21 11.33 25.02
N GLY B 80 3.28 10.61 25.36
CA GLY B 80 4.65 11.10 25.21
C GLY B 80 4.96 11.58 23.81
N VAL B 81 4.63 10.76 22.82
CA VAL B 81 4.76 11.09 21.39
C VAL B 81 3.96 12.35 21.04
N LEU B 82 2.76 12.45 21.60
CA LEU B 82 1.90 13.60 21.34
C LEU B 82 2.43 14.91 21.93
N ARG B 83 3.00 14.87 23.12
CA ARG B 83 3.61 16.06 23.70
C ARG B 83 4.77 16.49 22.81
N GLU B 84 5.56 15.48 22.44
CA GLU B 84 6.74 15.56 21.62
C GLU B 84 6.50 16.04 20.19
N ARG B 85 5.40 15.60 19.58
CA ARG B 85 5.14 15.82 18.15
C ARG B 85 3.87 16.61 17.94
N PRO B 86 3.95 17.95 17.91
CA PRO B 86 2.76 18.80 17.75
C PRO B 86 2.01 18.52 16.44
N ASP B 87 2.72 18.02 15.45
CA ASP B 87 2.16 17.72 14.14
C ASP B 87 1.39 16.38 14.08
N VAL B 88 1.58 15.53 15.07
CA VAL B 88 0.94 14.22 15.10
C VAL B 88 -0.41 14.29 15.82
N ASN B 89 -1.39 13.53 15.33
CA ASN B 89 -2.72 13.48 15.94
C ASN B 89 -3.22 12.08 16.24
N VAL B 90 -2.64 11.08 15.58
CA VAL B 90 -3.02 9.68 15.79
C VAL B 90 -1.75 8.83 15.97
N VAL B 91 -1.81 7.91 16.93
CA VAL B 91 -0.76 6.93 17.14
C VAL B 91 -1.37 5.53 17.19
N LEU B 92 -0.81 4.63 16.40
CA LEU B 92 -1.29 3.26 16.36
C LEU B 92 -0.19 2.27 16.68
N HIS B 93 -0.35 1.55 17.76
CA HIS B 93 0.47 0.41 18.05
C HIS B 93 -0.29 -0.82 17.59
N PHE B 94 0.28 -1.53 16.62
CA PHE B 94 -0.37 -2.71 16.09
C PHE B 94 0.54 -3.94 16.06
N GLN B 95 0.05 -5.04 15.50
CA GLN B 95 0.76 -6.30 15.48
C GLN B 95 0.38 -7.06 14.20
N SER B 96 0.85 -6.54 13.06
CA SER B 96 0.64 -7.07 11.72
C SER B 96 1.12 -8.48 11.55
N GLU B 97 0.77 -9.09 10.43
CA GLU B 97 1.19 -10.45 10.14
C GLU B 97 2.71 -10.57 9.89
N TYR B 98 3.16 -10.08 8.75
CA TYR B 98 4.54 -10.32 8.32
C TYR B 98 5.51 -9.43 9.07
N ALA B 99 5.02 -8.27 9.51
CA ALA B 99 5.84 -7.33 10.24
C ALA B 99 6.13 -7.85 11.65
N THR B 100 5.21 -8.61 12.23
CA THR B 100 5.50 -9.23 13.53
C THR B 100 6.43 -10.43 13.36
N ALA B 101 6.26 -11.20 12.27
CA ALA B 101 7.21 -12.27 11.96
C ALA B 101 8.64 -11.69 11.95
N ILE B 102 8.80 -10.60 11.22
CA ILE B 102 10.09 -9.96 11.09
C ILE B 102 10.60 -9.43 12.43
N SER B 103 9.68 -8.94 13.26
CA SER B 103 10.04 -8.42 14.58
C SER B 103 10.58 -9.50 15.51
N CYS B 104 10.34 -10.76 15.14
CA CYS B 104 10.76 -11.92 15.91
C CYS B 104 11.95 -12.65 15.27
N MSE B 105 12.34 -12.21 14.08
CA MSE B 105 13.45 -12.82 13.37
C MSE B 105 14.79 -12.43 13.97
O MSE B 105 14.98 -11.31 14.42
CB MSE B 105 13.42 -12.42 11.90
CG MSE B 105 12.96 -13.52 11.00
SE MSE B 105 12.34 -12.81 9.26
CE MSE B 105 10.44 -13.16 9.50
N LYS B 106 15.72 -13.37 13.96
CA LYS B 106 17.08 -13.11 14.41
C LYS B 106 17.89 -12.27 13.44
N ASN B 107 17.69 -12.47 12.14
CA ASN B 107 18.33 -11.66 11.12
C ASN B 107 17.35 -10.67 10.52
N LYS B 108 17.33 -9.48 11.08
CA LYS B 108 16.42 -8.42 10.65
C LYS B 108 16.95 -7.68 9.43
N PRO B 109 16.04 -7.19 8.56
CA PRO B 109 16.46 -6.33 7.47
C PRO B 109 17.25 -5.12 7.94
N THR B 110 18.24 -4.75 7.15
CA THR B 110 18.95 -3.49 7.32
C THR B 110 18.25 -2.39 6.51
N ASN B 111 17.46 -2.82 5.54
CA ASN B 111 16.94 -1.91 4.55
C ASN B 111 15.57 -2.38 4.10
N PHE B 112 14.56 -1.55 4.35
CA PHE B 112 13.16 -1.88 4.05
C PHE B 112 12.65 -1.22 2.77
N ASN B 113 13.50 -0.44 2.10
CA ASN B 113 13.10 0.34 0.94
C ASN B 113 12.97 -0.46 -0.35
N VAL B 114 11.93 -1.27 -0.42
CA VAL B 114 11.76 -2.20 -1.54
C VAL B 114 10.89 -1.67 -2.68
N THR B 115 9.99 -0.73 -2.38
CA THR B 115 9.24 -0.02 -3.42
C THR B 115 9.24 1.47 -3.07
N ALA B 116 8.74 2.29 -3.98
CA ALA B 116 8.69 3.75 -3.77
C ALA B 116 7.86 4.15 -2.55
N GLU B 117 6.72 3.48 -2.34
CA GLU B 117 5.81 3.87 -1.26
C GLU B 117 6.43 3.74 0.11
N ILE B 118 7.47 2.91 0.25
CA ILE B 118 8.08 2.67 1.56
C ILE B 118 8.84 3.89 2.08
N PRO B 119 9.89 4.36 1.38
CA PRO B 119 10.49 5.61 1.83
C PRO B 119 9.52 6.79 1.88
N CYS B 120 8.50 6.81 1.02
CA CYS B 120 7.54 7.94 0.99
C CYS B 120 6.57 7.98 2.15
N HIS B 121 6.02 6.83 2.50
CA HIS B 121 4.99 6.78 3.52
C HIS B 121 5.52 6.32 4.87
N VAL B 122 6.22 5.19 4.86
CA VAL B 122 6.70 4.58 6.11
C VAL B 122 7.93 5.27 6.72
N GLY B 123 8.78 5.85 5.88
CA GLY B 123 10.08 6.39 6.33
C GLY B 123 11.22 5.63 5.69
N SER B 124 12.30 6.35 5.38
CA SER B 124 13.46 5.77 4.70
C SER B 124 14.33 4.99 5.66
N GLU B 125 14.10 5.21 6.95
CA GLU B 125 14.83 4.52 8.00
C GLU B 125 13.78 4.05 9.00
N ILE B 126 13.93 2.81 9.50
CA ILE B 126 12.98 2.27 10.49
C ILE B 126 13.67 1.83 11.76
N PRO B 127 13.62 2.68 12.80
CA PRO B 127 14.26 2.31 14.06
C PRO B 127 13.67 1.02 14.64
N VAL B 128 14.55 0.18 15.13
CA VAL B 128 14.21 -1.09 15.76
C VAL B 128 14.52 -1.00 17.25
N ILE B 129 13.49 -1.21 18.06
CA ILE B 129 13.60 -1.21 19.51
C ILE B 129 13.69 -2.66 20.01
N PRO B 130 14.64 -2.97 20.92
CA PRO B 130 14.74 -4.33 21.52
C PRO B 130 13.52 -4.70 22.39
N TYR B 131 13.45 -5.95 22.83
CA TYR B 131 12.33 -6.36 23.65
C TYR B 131 12.33 -5.72 25.02
N TYR B 132 11.25 -5.05 25.36
CA TYR B 132 10.98 -4.65 26.74
C TYR B 132 9.58 -5.13 27.11
N ARG B 133 9.37 -5.37 28.41
CA ARG B 133 8.06 -5.75 28.90
C ARG B 133 7.03 -4.73 28.42
N PRO B 134 5.92 -5.19 27.81
CA PRO B 134 4.83 -4.26 27.48
C PRO B 134 4.42 -3.45 28.71
N GLY B 135 4.21 -2.14 28.52
CA GLY B 135 3.86 -1.27 29.62
C GLY B 135 5.02 -0.84 30.49
N SER B 136 6.20 -1.39 30.26
CA SER B 136 7.37 -1.02 31.07
C SER B 136 7.78 0.42 30.79
N PRO B 137 8.24 1.16 31.82
CA PRO B 137 8.77 2.51 31.59
C PRO B 137 9.82 2.56 30.48
N GLU B 138 10.69 1.54 30.45
CA GLU B 138 11.82 1.47 29.52
C GLU B 138 11.32 1.42 28.08
N LEU B 139 10.15 0.83 27.87
CA LEU B 139 9.55 0.72 26.56
C LEU B 139 9.06 2.09 26.09
N ALA B 140 8.31 2.76 26.96
CA ALA B 140 7.78 4.08 26.65
C ALA B 140 8.92 5.01 26.26
N LYS B 141 9.99 5.00 27.07
CA LYS B 141 11.12 5.88 26.84
C LYS B 141 11.76 5.63 25.47
N ALA B 142 11.86 4.36 25.07
CA ALA B 142 12.44 4.04 23.77
C ALA B 142 11.57 4.47 22.59
N VAL B 143 10.26 4.26 22.70
CA VAL B 143 9.32 4.63 21.64
C VAL B 143 9.30 6.14 21.44
N VAL B 144 9.08 6.85 22.54
CA VAL B 144 9.16 8.30 22.53
C VAL B 144 10.46 8.77 21.85
N GLU B 145 11.60 8.20 22.23
CA GLU B 145 12.87 8.58 21.56
C GLU B 145 12.83 8.28 20.06
N ALA B 146 12.49 7.04 19.72
CA ALA B 146 12.37 6.60 18.32
C ALA B 146 11.45 7.45 17.46
N MSE B 147 10.38 7.98 18.05
CA MSE B 147 9.34 8.66 17.27
C MSE B 147 9.45 10.17 17.25
O MSE B 147 8.56 10.85 16.73
CB MSE B 147 7.95 8.25 17.75
CG MSE B 147 7.76 6.76 17.79
SE MSE B 147 6.00 6.22 17.19
CE MSE B 147 6.28 6.51 15.28
N LEU B 148 10.55 10.71 17.79
CA LEU B 148 10.84 12.13 17.72
C LEU B 148 11.00 12.53 16.26
N LYS B 149 11.80 11.75 15.52
CA LYS B 149 12.00 12.01 14.09
C LYS B 149 11.53 10.91 13.16
N HIS B 150 10.76 9.96 13.67
CA HIS B 150 10.29 8.87 12.82
C HIS B 150 8.82 8.61 13.01
N ASN B 151 8.19 8.10 11.96
CA ASN B 151 6.75 7.83 11.98
C ASN B 151 6.43 6.35 12.12
N SER B 152 7.47 5.53 12.14
CA SER B 152 7.32 4.08 12.11
C SER B 152 8.45 3.39 12.80
N VAL B 153 8.11 2.54 13.76
CA VAL B 153 9.10 1.78 14.49
C VAL B 153 8.73 0.30 14.63
N LEU B 154 9.74 -0.56 14.60
CA LEU B 154 9.57 -1.98 14.86
C LEU B 154 9.97 -2.32 16.29
N LEU B 155 9.06 -2.93 17.03
CA LEU B 155 9.32 -3.42 18.38
C LEU B 155 9.63 -4.90 18.29
N THR B 156 10.83 -5.31 18.69
CA THR B 156 11.20 -6.71 18.50
C THR B 156 10.46 -7.65 19.46
N ASN B 157 9.97 -8.77 18.92
CA ASN B 157 9.20 -9.76 19.66
C ASN B 157 7.91 -9.19 20.24
N HIS B 158 7.33 -8.25 19.50
CA HIS B 158 6.16 -7.55 20.01
C HIS B 158 5.23 -7.13 18.88
N GLY B 159 5.69 -6.22 18.02
CA GLY B 159 4.85 -5.67 16.97
C GLY B 159 5.42 -4.36 16.46
N GLN B 160 4.54 -3.42 16.13
CA GLN B 160 5.00 -2.19 15.53
C GLN B 160 4.18 -0.96 15.92
N VAL B 161 4.77 0.22 15.77
CA VAL B 161 4.06 1.46 16.09
C VAL B 161 4.17 2.43 14.92
N VAL B 162 3.07 3.10 14.65
CA VAL B 162 3.00 4.05 13.57
C VAL B 162 2.21 5.29 14.02
N CYS B 163 2.55 6.46 13.44
CA CYS B 163 1.82 7.69 13.76
C CYS B 163 1.67 8.63 12.56
N GLY B 164 0.76 9.59 12.67
CA GLY B 164 0.55 10.55 11.59
C GLY B 164 -0.52 11.59 11.86
N LYS B 165 -0.83 12.38 10.82
CA LYS B 165 -1.74 13.52 10.92
C LYS B 165 -3.18 13.09 11.16
N ASP B 166 -3.59 12.01 10.51
CA ASP B 166 -4.96 11.53 10.64
C ASP B 166 -5.07 10.02 10.54
N PHE B 167 -6.31 9.53 10.51
CA PHE B 167 -6.58 8.11 10.45
C PHE B 167 -6.18 7.45 9.12
N ASP B 168 -6.35 8.17 8.02
CA ASP B 168 -6.02 7.66 6.70
C ASP B 168 -4.52 7.50 6.49
N GLN B 169 -3.77 8.52 6.87
CA GLN B 169 -2.32 8.49 6.82
C GLN B 169 -1.76 7.34 7.68
N VAL B 170 -2.28 7.22 8.90
CA VAL B 170 -1.89 6.14 9.78
C VAL B 170 -2.23 4.79 9.15
N TYR B 171 -3.43 4.67 8.56
CA TYR B 171 -3.81 3.44 7.88
C TYR B 171 -2.86 3.14 6.72
N GLU B 172 -2.58 4.18 5.92
CA GLU B 172 -1.68 4.04 4.80
C GLU B 172 -0.31 3.58 5.27
N ARG B 173 0.23 4.26 6.28
CA ARG B 173 1.54 3.94 6.84
C ARG B 173 1.59 2.50 7.39
N ALA B 174 0.56 2.10 8.14
CA ALA B 174 0.50 0.74 8.69
C ALA B 174 0.55 -0.32 7.58
N THR B 175 -0.29 -0.15 6.55
CA THR B 175 -0.43 -1.14 5.49
C THR B 175 0.86 -1.31 4.70
N PHE B 176 1.59 -0.22 4.48
CA PHE B 176 2.82 -0.29 3.68
C PHE B 176 3.99 -0.81 4.52
N PHE B 177 3.92 -0.57 5.83
CA PHE B 177 4.87 -1.15 6.76
C PHE B 177 4.69 -2.66 6.64
N GLU B 178 3.45 -3.11 6.72
CA GLU B 178 3.11 -4.51 6.56
C GLU B 178 3.50 -5.05 5.19
N MSE B 179 3.26 -4.28 4.14
CA MSE B 179 3.60 -4.74 2.81
C MSE B 179 5.11 -4.94 2.58
O MSE B 179 5.52 -5.95 2.02
CB MSE B 179 3.00 -3.83 1.75
CG MSE B 179 3.39 -4.22 0.35
SE MSE B 179 2.89 -2.88 -0.96
CE MSE B 179 1.60 -3.94 -1.98
N ALA B 180 5.94 -3.98 3.02
CA ALA B 180 7.40 -4.12 2.98
C ALA B 180 7.83 -5.43 3.63
N CYS B 181 7.32 -5.67 4.84
CA CYS B 181 7.65 -6.92 5.52
C CYS B 181 7.19 -8.15 4.75
N ARG B 182 6.00 -8.07 4.17
CA ARG B 182 5.48 -9.17 3.34
C ARG B 182 6.38 -9.49 2.16
N ILE B 183 6.87 -8.45 1.46
CA ILE B 183 7.80 -8.59 0.34
C ILE B 183 9.08 -9.29 0.79
N ILE B 184 9.61 -8.88 1.94
CA ILE B 184 10.86 -9.38 2.43
C ILE B 184 10.78 -10.87 2.82
N VAL B 185 9.76 -11.24 3.57
CA VAL B 185 9.58 -12.63 3.93
C VAL B 185 9.33 -13.47 2.67
N GLN B 186 8.41 -13.02 1.81
CA GLN B 186 7.96 -13.82 0.68
C GLN B 186 8.97 -13.94 -0.45
N SER B 187 9.87 -12.97 -0.57
CA SER B 187 10.92 -13.03 -1.57
C SER B 187 11.96 -14.03 -1.12
N GLY B 188 11.94 -14.34 0.18
CA GLY B 188 12.93 -15.23 0.77
C GLY B 188 14.19 -14.47 1.14
N GLY B 189 14.08 -13.16 1.31
CA GLY B 189 15.21 -12.32 1.73
C GLY B 189 16.18 -11.93 0.61
N ASP B 190 16.01 -12.52 -0.57
CA ASP B 190 16.90 -12.17 -1.67
C ASP B 190 16.28 -11.11 -2.60
N TYR B 191 16.18 -9.89 -2.07
CA TYR B 191 15.60 -8.76 -2.78
C TYR B 191 16.60 -7.63 -2.98
N SER B 192 16.28 -6.72 -3.89
CA SER B 192 17.04 -5.49 -4.01
C SER B 192 16.23 -4.29 -3.48
N VAL B 193 16.93 -3.18 -3.23
CA VAL B 193 16.35 -1.98 -2.63
C VAL B 193 16.55 -0.72 -3.50
N LEU B 194 15.78 0.32 -3.24
CA LEU B 194 16.04 1.63 -3.86
C LEU B 194 17.35 2.23 -3.37
N THR B 195 18.04 2.85 -4.31
CA THR B 195 19.27 3.59 -4.10
C THR B 195 19.00 4.90 -3.34
N PRO B 196 19.99 5.39 -2.55
CA PRO B 196 19.85 6.67 -1.86
C PRO B 196 19.44 7.78 -2.83
N GLU B 197 20.20 7.98 -3.89
CA GLU B 197 19.78 8.86 -4.96
C GLU B 197 18.30 8.67 -5.39
N GLU B 198 17.90 7.42 -5.65
CA GLU B 198 16.53 7.09 -6.10
C GLU B 198 15.47 7.43 -5.06
N ILE B 199 15.79 7.26 -3.77
CA ILE B 199 14.84 7.69 -2.76
C ILE B 199 14.73 9.23 -2.69
N GLU B 200 15.81 9.95 -3.01
CA GLU B 200 15.76 11.41 -3.08
C GLU B 200 14.97 11.91 -4.29
N ASP B 201 15.19 11.25 -5.43
CA ASP B 201 14.43 11.46 -6.65
C ASP B 201 12.90 11.53 -6.41
N LEU B 202 12.42 10.74 -5.44
CA LEU B 202 11.00 10.67 -5.12
C LEU B 202 10.36 12.00 -4.67
N GLU B 203 11.19 12.94 -4.20
CA GLU B 203 10.74 14.29 -3.78
C GLU B 203 9.91 14.96 -4.88
N ILE B 204 10.37 14.80 -6.13
CA ILE B 204 9.71 15.32 -7.33
C ILE B 204 8.36 14.65 -7.57
N TYR B 205 8.32 13.35 -7.36
CA TYR B 205 7.11 12.58 -7.46
C TYR B 205 6.11 13.00 -6.38
N VAL B 206 6.59 13.14 -5.14
CA VAL B 206 5.75 13.57 -4.01
C VAL B 206 5.19 14.98 -4.24
N LEU B 207 6.04 15.89 -4.71
CA LEU B 207 5.60 17.22 -5.14
C LEU B 207 4.41 17.16 -6.10
N GLY B 208 4.62 16.50 -7.25
CA GLY B 208 3.59 16.34 -8.26
C GLY B 208 2.25 15.86 -7.69
N LYS B 209 2.31 14.99 -6.68
CA LYS B 209 1.09 14.49 -6.03
C LYS B 209 0.43 15.60 -5.23
S SO4 C . -0.70 8.42 -8.86
O1 SO4 C . -1.06 7.40 -9.84
O2 SO4 C . 0.66 8.14 -8.42
O3 SO4 C . -0.76 9.75 -9.44
O4 SO4 C . -1.64 8.32 -7.74
S SO4 D . -3.29 -2.64 26.73
O1 SO4 D . -4.44 -3.54 26.63
O2 SO4 D . -3.49 -1.53 25.80
O3 SO4 D . -3.19 -2.16 28.11
O4 SO4 D . -2.05 -3.34 26.41
#